data_3O02
#
_entry.id   3O02
#
_cell.length_a   202.216
_cell.length_b   52.370
_cell.length_c   57.316
_cell.angle_alpha   90.00
_cell.angle_beta   90.20
_cell.angle_gamma   90.00
#
_symmetry.space_group_name_H-M   'C 1 2 1'
#
loop_
_entity.id
_entity.type
_entity.pdbx_description
1 polymer 'Cell invasion protein sipD'
2 non-polymer 'NICKEL (II) ION'
3 non-polymer 'CHENODEOXYCHOLIC ACID'
4 water water
#
_entity_poly.entity_id   1
_entity_poly.type   'polypeptide(L)'
_entity_poly.pdbx_seq_one_letter_code
;GHMEHRGTDIISLSQAATKIHQAQQTLQSTPPISEENNDERTLARQQLTSSLNALAKSGVSLSAEQNENLRSAFSAPTSA
LFSASPMAQPRTTISDAEIWDMVSQNISAIGDSYLGVYENVVAVYTDFYQAFSDILSKMGGWLLPGKDGNTVKLDVTSLK
NDLNSLVNKYNQINSNTVLFPAQSGSGVKVATEAEARQWLSELNLPNSCLKSYGSGYVVTVDLTPLQKMVQDIDGLGAPG
KDSKLEMDNAKYQAWQSGFKAQEENMKTTLQTLTQKYSNANSLYDNLVKVLSSTISSSLETAKSFLQG
;
_entity_poly.pdbx_strand_id   A,B
#
# COMPACT_ATOMS: atom_id res chain seq x y z
N GLY A 1 4.16 34.70 -21.20
CA GLY A 1 4.70 34.32 -19.87
C GLY A 1 3.90 35.06 -18.79
N HIS A 2 2.88 35.79 -19.24
CA HIS A 2 2.07 36.65 -18.40
C HIS A 2 0.70 36.01 -18.09
N MET A 3 0.39 34.89 -18.76
CA MET A 3 -0.89 34.20 -18.60
CA MET A 3 -0.90 34.25 -18.56
C MET A 3 -0.86 33.25 -17.39
N GLU A 4 -1.59 33.58 -16.32
CA GLU A 4 -1.58 32.71 -15.15
C GLU A 4 -2.56 31.54 -15.32
N HIS A 5 -2.31 30.48 -14.56
CA HIS A 5 -3.13 29.30 -14.68
C HIS A 5 -3.10 28.61 -13.34
N ARG A 6 -3.56 29.32 -12.32
CA ARG A 6 -3.66 28.73 -10.95
C ARG A 6 -4.44 27.42 -10.91
N GLY A 7 -5.62 27.39 -11.54
CA GLY A 7 -6.47 26.21 -11.49
C GLY A 7 -5.75 24.93 -11.85
N THR A 8 -5.09 24.94 -13.00
CA THR A 8 -4.42 23.74 -13.46
C THR A 8 -3.19 23.40 -12.61
N ASP A 9 -2.48 24.42 -12.09
CA ASP A 9 -1.38 24.22 -11.17
C ASP A 9 -1.85 23.51 -9.93
N ILE A 10 -2.98 23.96 -9.41
CA ILE A 10 -3.52 23.40 -8.18
C ILE A 10 -3.92 21.93 -8.40
N ILE A 11 -4.53 21.65 -9.54
CA ILE A 11 -4.89 20.28 -9.88
C ILE A 11 -3.65 19.39 -9.98
N SER A 12 -2.65 19.83 -10.77
CA SER A 12 -1.42 19.05 -10.95
C SER A 12 -0.64 18.80 -9.65
N LEU A 13 -0.49 19.84 -8.83
CA LEU A 13 0.25 19.75 -7.55
C LEU A 13 -0.47 18.84 -6.56
N SER A 14 -1.80 18.95 -6.54
CA SER A 14 -2.63 18.12 -5.64
CA SER A 14 -2.56 18.12 -5.61
C SER A 14 -2.58 16.65 -6.07
N GLN A 15 -2.60 16.41 -7.37
CA GLN A 15 -2.44 15.06 -7.91
CA GLN A 15 -2.46 15.04 -7.87
C GLN A 15 -1.11 14.46 -7.43
N ALA A 16 -0.03 15.22 -7.56
CA ALA A 16 1.28 14.73 -7.12
C ALA A 16 1.31 14.51 -5.58
N ALA A 17 0.89 15.51 -4.81
CA ALA A 17 0.75 15.36 -3.33
C ALA A 17 0.03 14.06 -2.93
N THR A 18 -1.07 13.77 -3.60
CA THR A 18 -1.88 12.61 -3.31
C THR A 18 -1.11 11.31 -3.57
N LYS A 19 -0.50 11.22 -4.75
CA LYS A 19 0.26 10.02 -5.08
C LYS A 19 1.45 9.80 -4.16
N ILE A 20 2.14 10.89 -3.82
CA ILE A 20 3.29 10.82 -2.89
C ILE A 20 2.82 10.40 -1.50
N HIS A 21 1.72 10.98 -1.02
CA HIS A 21 1.15 10.59 0.29
C HIS A 21 0.74 9.12 0.34
N GLN A 22 0.13 8.61 -0.74
CA GLN A 22 -0.23 7.20 -0.79
C GLN A 22 1.01 6.30 -0.76
N ALA A 23 2.04 6.62 -1.55
CA ALA A 23 3.28 5.83 -1.52
C ALA A 23 3.89 5.86 -0.13
N GLN A 24 3.90 7.04 0.48
CA GLN A 24 4.50 7.21 1.82
C GLN A 24 3.76 6.34 2.83
N GLN A 25 2.44 6.32 2.75
CA GLN A 25 1.63 5.50 3.65
C GLN A 25 1.97 4.03 3.53
N THR A 26 2.14 3.56 2.31
CA THR A 26 2.52 2.16 2.10
C THR A 26 3.91 1.90 2.72
N LEU A 27 4.87 2.78 2.44
CA LEU A 27 6.27 2.53 2.84
C LEU A 27 6.45 2.64 4.35
N GLN A 28 5.57 3.42 4.97
CA GLN A 28 5.54 3.50 6.45
C GLN A 28 4.75 2.41 7.17
N SER A 29 3.83 1.73 6.50
CA SER A 29 2.94 0.76 7.15
CA SER A 29 2.96 0.76 7.17
C SER A 29 3.19 -0.70 6.76
N THR A 30 3.80 -0.91 5.59
CA THR A 30 4.02 -2.28 5.10
C THR A 30 5.38 -2.83 5.52
N PRO A 31 5.41 -3.87 6.40
CA PRO A 31 6.76 -4.34 6.79
C PRO A 31 7.36 -5.18 5.62
N PRO A 32 8.68 -5.11 5.43
CA PRO A 32 9.43 -5.78 4.32
C PRO A 32 9.76 -7.23 4.70
N ILE A 33 8.70 -8.00 5.00
CA ILE A 33 8.83 -9.32 5.60
C ILE A 33 8.46 -10.49 4.71
N SER A 34 8.07 -10.17 3.47
CA SER A 34 7.66 -11.20 2.52
C SER A 34 7.80 -10.62 1.13
N GLU A 35 7.90 -11.52 0.16
CA GLU A 35 8.00 -11.08 -1.23
C GLU A 35 6.74 -10.26 -1.65
N GLU A 36 5.56 -10.70 -1.24
CA GLU A 36 4.30 -9.97 -1.50
C GLU A 36 4.39 -8.51 -0.95
N ASN A 37 4.81 -8.40 0.31
CA ASN A 37 4.94 -7.07 0.92
C ASN A 37 5.94 -6.19 0.19
N ASN A 38 7.10 -6.77 -0.16
CA ASN A 38 8.09 -5.95 -0.86
C ASN A 38 7.70 -5.57 -2.29
N ASP A 39 6.89 -6.43 -2.94
CA ASP A 39 6.30 -6.09 -4.23
C ASP A 39 5.42 -4.84 -4.08
N GLU A 40 4.61 -4.78 -3.01
CA GLU A 40 3.74 -3.62 -2.71
C GLU A 40 4.59 -2.36 -2.48
N ARG A 41 5.69 -2.52 -1.74
CA ARG A 41 6.58 -1.37 -1.44
C ARG A 41 7.28 -0.90 -2.71
N THR A 42 7.78 -1.84 -3.52
CA THR A 42 8.42 -1.48 -4.80
C THR A 42 7.44 -0.76 -5.74
N LEU A 43 6.21 -1.25 -5.79
CA LEU A 43 5.11 -0.61 -6.60
C LEU A 43 4.83 0.81 -6.10
N ALA A 44 4.76 0.98 -4.78
CA ALA A 44 4.62 2.34 -4.22
C ALA A 44 5.71 3.30 -4.68
N ARG A 45 6.97 2.88 -4.70
CA ARG A 45 8.01 3.77 -5.21
C ARG A 45 7.88 4.03 -6.72
N GLN A 46 7.46 3.02 -7.47
CA GLN A 46 7.18 3.21 -8.91
C GLN A 46 6.06 4.30 -9.09
N GLN A 47 5.03 4.20 -8.27
CA GLN A 47 3.97 5.19 -8.26
C GLN A 47 4.41 6.61 -7.92
N LEU A 48 5.30 6.71 -6.93
CA LEU A 48 5.86 7.99 -6.55
C LEU A 48 6.69 8.59 -7.72
N THR A 49 7.57 7.80 -8.31
CA THR A 49 8.40 8.37 -9.36
CA THR A 49 8.42 8.19 -9.44
C THR A 49 7.58 8.70 -10.63
N SER A 50 6.55 7.92 -10.93
CA SER A 50 5.66 8.26 -12.05
C SER A 50 4.93 9.57 -11.82
N SER A 51 4.57 9.83 -10.56
CA SER A 51 3.95 11.08 -10.17
C SER A 51 4.87 12.28 -10.38
N LEU A 52 6.17 12.14 -10.09
CA LEU A 52 7.16 13.24 -10.26
C LEU A 52 7.45 13.54 -11.74
N ASN A 53 7.52 12.47 -12.54
CA ASN A 53 7.61 12.53 -14.01
C ASN A 53 6.40 13.30 -14.58
N ALA A 54 5.20 12.95 -14.12
CA ALA A 54 3.95 13.67 -14.49
C ALA A 54 3.97 15.14 -14.08
N LEU A 55 4.45 15.42 -12.85
CA LEU A 55 4.52 16.77 -12.32
C LEU A 55 5.50 17.62 -13.13
N ALA A 56 6.65 17.03 -13.47
CA ALA A 56 7.68 17.68 -14.28
C ALA A 56 7.18 18.22 -15.64
N LYS A 57 6.16 17.58 -16.18
CA LYS A 57 5.57 17.89 -17.49
C LYS A 57 4.36 18.82 -17.40
N SER A 58 3.97 19.11 -16.16
CA SER A 58 2.72 19.77 -15.87
C SER A 58 2.73 21.28 -16.13
N GLY A 59 3.89 21.93 -16.07
CA GLY A 59 3.92 23.38 -16.25
C GLY A 59 3.97 24.19 -14.98
N VAL A 60 3.91 23.49 -13.84
CA VAL A 60 4.05 24.14 -12.55
C VAL A 60 5.47 24.66 -12.51
N SER A 61 5.64 25.86 -12.01
CA SER A 61 6.96 26.48 -11.86
CA SER A 61 6.97 26.47 -11.86
CA SER A 61 6.98 26.42 -11.85
C SER A 61 7.36 26.52 -10.39
N LEU A 62 8.66 26.46 -10.12
CA LEU A 62 9.16 26.50 -8.75
C LEU A 62 9.83 27.84 -8.51
N SER A 63 9.85 28.25 -7.25
CA SER A 63 10.53 29.45 -6.85
C SER A 63 12.02 29.17 -6.79
N ALA A 64 12.82 30.24 -6.65
CA ALA A 64 14.26 30.12 -6.45
C ALA A 64 14.57 29.35 -5.16
N GLU A 65 13.75 29.57 -4.13
CA GLU A 65 13.89 28.88 -2.85
C GLU A 65 13.65 27.36 -2.97
N GLN A 66 12.63 27.00 -3.75
CA GLN A 66 12.25 25.59 -3.98
C GLN A 66 13.25 24.85 -4.85
N ASN A 67 13.68 25.50 -5.94
CA ASN A 67 14.72 24.94 -6.80
CA ASN A 67 14.73 24.99 -6.82
C ASN A 67 15.97 24.60 -6.00
N GLU A 68 16.29 25.45 -5.04
CA GLU A 68 17.47 25.27 -4.22
CA GLU A 68 17.44 25.36 -4.13
C GLU A 68 17.28 24.18 -3.15
N ASN A 69 16.13 24.16 -2.48
CA ASN A 69 15.78 23.08 -1.56
C ASN A 69 15.91 21.71 -2.24
N LEU A 70 15.47 21.64 -3.51
CA LEU A 70 15.51 20.40 -4.27
C LEU A 70 16.92 19.99 -4.72
N ARG A 71 17.68 20.94 -5.27
CA ARG A 71 19.06 20.66 -5.67
C ARG A 71 19.89 20.11 -4.51
N SER A 72 19.72 20.70 -3.34
CA SER A 72 20.52 20.32 -2.19
C SER A 72 20.10 18.99 -1.57
N ALA A 73 18.79 18.72 -1.51
CA ALA A 73 18.29 17.47 -0.92
C ALA A 73 18.60 16.27 -1.80
N PHE A 74 18.66 16.49 -3.12
CA PHE A 74 18.75 15.40 -4.05
C PHE A 74 20.07 15.42 -4.81
N ILE A 99 15.10 19.94 -13.19
CA ILE A 99 15.26 19.66 -11.76
C ILE A 99 14.42 18.48 -11.32
N TRP A 100 13.16 18.43 -11.79
CA TRP A 100 12.24 17.37 -11.43
C TRP A 100 12.70 16.00 -11.94
N ASP A 101 13.43 16.00 -13.05
CA ASP A 101 13.93 14.77 -13.63
C ASP A 101 15.20 14.34 -12.91
N MET A 102 15.98 15.30 -12.41
CA MET A 102 17.10 14.97 -11.52
C MET A 102 16.59 14.39 -10.19
N VAL A 103 15.53 14.99 -9.66
CA VAL A 103 14.93 14.51 -8.40
C VAL A 103 14.43 13.07 -8.56
N SER A 104 13.64 12.83 -9.62
CA SER A 104 13.09 11.51 -9.92
C SER A 104 14.21 10.48 -10.11
N GLN A 105 15.25 10.87 -10.84
CA GLN A 105 16.43 10.02 -11.01
C GLN A 105 17.12 9.64 -9.70
N ASN A 106 17.40 10.62 -8.84
CA ASN A 106 18.13 10.39 -7.58
C ASN A 106 17.29 9.57 -6.58
N ILE A 107 16.00 9.90 -6.46
CA ILE A 107 15.12 9.12 -5.55
C ILE A 107 14.87 7.66 -6.03
N SER A 108 14.80 7.48 -7.33
CA SER A 108 14.69 6.18 -7.98
C SER A 108 15.88 5.27 -7.62
N ALA A 109 17.09 5.83 -7.72
CA ALA A 109 18.34 5.11 -7.43
C ALA A 109 18.41 4.65 -5.96
N ILE A 110 18.08 5.56 -5.06
CA ILE A 110 18.06 5.22 -3.64
C ILE A 110 16.96 4.17 -3.35
N GLY A 111 15.80 4.29 -3.98
CA GLY A 111 14.72 3.31 -3.72
C GLY A 111 15.19 1.94 -4.19
N ASP A 112 15.79 1.88 -5.38
CA ASP A 112 16.19 0.64 -6.03
C ASP A 112 17.45 -0.03 -5.42
N SER A 113 18.50 0.76 -5.25
CA SER A 113 19.86 0.24 -4.94
C SER A 113 20.23 0.32 -3.47
N TYR A 114 19.40 0.98 -2.67
CA TYR A 114 19.67 1.09 -1.25
C TYR A 114 18.52 0.53 -0.48
N LEU A 115 17.37 1.23 -0.51
CA LEU A 115 16.21 0.72 0.25
C LEU A 115 15.74 -0.66 -0.24
N GLY A 116 15.71 -0.90 -1.55
CA GLY A 116 15.25 -2.19 -2.10
C GLY A 116 16.14 -3.34 -1.63
N VAL A 117 17.42 -3.07 -1.50
CA VAL A 117 18.33 -4.10 -0.97
C VAL A 117 17.99 -4.42 0.48
N TYR A 118 17.93 -3.38 1.32
CA TYR A 118 17.50 -3.56 2.69
C TYR A 118 16.17 -4.30 2.86
N GLU A 119 15.21 -4.06 2.00
CA GLU A 119 13.95 -4.79 2.04
C GLU A 119 14.17 -6.29 1.82
N ASN A 120 14.97 -6.61 0.82
CA ASN A 120 15.32 -8.00 0.57
C ASN A 120 16.05 -8.65 1.77
N VAL A 121 16.97 -7.88 2.35
CA VAL A 121 17.73 -8.35 3.50
C VAL A 121 16.81 -8.79 4.64
N VAL A 122 15.87 -7.92 4.99
CA VAL A 122 14.87 -8.25 6.03
C VAL A 122 13.96 -9.44 5.68
N ALA A 123 13.43 -9.50 4.46
CA ALA A 123 12.51 -10.59 4.08
C ALA A 123 13.23 -11.97 4.12
N VAL A 124 14.46 -11.99 3.59
CA VAL A 124 15.25 -13.22 3.60
C VAL A 124 15.59 -13.61 5.05
N TYR A 125 16.10 -12.65 5.82
CA TYR A 125 16.40 -12.90 7.23
C TYR A 125 15.22 -13.30 8.10
N THR A 126 14.05 -12.75 7.80
CA THR A 126 12.82 -13.07 8.52
C THR A 126 12.48 -14.56 8.43
N ASP A 127 12.52 -15.08 7.22
CA ASP A 127 12.14 -16.47 6.99
C ASP A 127 13.21 -17.44 7.53
N PHE A 128 14.48 -17.09 7.36
CA PHE A 128 15.61 -17.83 7.98
C PHE A 128 15.39 -17.90 9.51
N TYR A 129 15.15 -16.74 10.13
CA TYR A 129 14.97 -16.66 11.59
C TYR A 129 13.74 -17.46 12.05
N GLN A 130 12.67 -17.41 11.27
CA GLN A 130 11.52 -18.26 11.55
C GLN A 130 11.89 -19.75 11.52
N ALA A 131 12.71 -20.17 10.56
CA ALA A 131 13.12 -21.56 10.48
C ALA A 131 13.86 -21.98 11.77
N PHE A 132 14.70 -21.08 12.27
CA PHE A 132 15.42 -21.25 13.53
C PHE A 132 14.47 -21.31 14.75
N SER A 133 13.52 -20.38 14.78
CA SER A 133 12.47 -20.38 15.82
CA SER A 133 12.46 -20.38 15.80
C SER A 133 11.70 -21.71 15.90
N ASP A 134 11.36 -22.26 14.74
CA ASP A 134 10.68 -23.54 14.64
C ASP A 134 11.51 -24.68 15.31
N ILE A 135 12.81 -24.71 15.09
CA ILE A 135 13.68 -25.63 15.83
C ILE A 135 13.65 -25.39 17.32
N LEU A 136 13.82 -24.15 17.75
CA LEU A 136 13.78 -23.85 19.19
C LEU A 136 12.49 -24.34 19.84
N SER A 137 11.38 -24.25 19.11
CA SER A 137 10.07 -24.73 19.61
C SER A 137 10.01 -26.23 19.91
N LYS A 138 10.97 -27.00 19.38
CA LYS A 138 11.04 -28.44 19.61
C LYS A 138 11.87 -28.84 20.82
N MET A 139 12.59 -27.89 21.39
CA MET A 139 13.56 -28.24 22.41
CA MET A 139 13.55 -28.11 22.51
C MET A 139 12.92 -28.85 23.65
N GLY A 140 11.74 -28.35 24.05
CA GLY A 140 11.04 -28.92 25.20
C GLY A 140 10.95 -30.43 25.15
N GLY A 141 10.58 -30.95 23.98
CA GLY A 141 10.49 -32.39 23.74
C GLY A 141 11.81 -33.14 23.66
N TRP A 142 12.92 -32.41 23.62
CA TRP A 142 14.23 -33.04 23.57
C TRP A 142 14.90 -33.06 24.94
N LEU A 143 14.25 -32.49 25.95
CA LEU A 143 14.78 -32.52 27.31
C LEU A 143 13.93 -33.47 28.17
N LEU A 144 14.53 -34.56 28.62
CA LEU A 144 13.81 -35.62 29.28
C LEU A 144 14.22 -35.71 30.73
N PRO A 145 13.35 -36.29 31.58
CA PRO A 145 13.80 -36.59 32.95
C PRO A 145 15.06 -37.47 32.97
N GLY A 146 15.97 -37.23 33.92
CA GLY A 146 17.18 -38.09 34.08
C GLY A 146 16.87 -39.29 34.99
N LYS A 147 17.89 -40.03 35.42
CA LYS A 147 17.70 -41.17 36.35
C LYS A 147 17.20 -40.77 37.74
N ASP A 148 17.45 -39.53 38.14
CA ASP A 148 17.03 -39.01 39.43
C ASP A 148 16.86 -37.51 39.25
N GLY A 149 16.64 -36.81 40.36
CA GLY A 149 16.34 -35.38 40.34
C GLY A 149 17.53 -34.45 40.16
N ASN A 150 18.74 -35.03 40.04
CA ASN A 150 19.97 -34.23 39.89
C ASN A 150 20.55 -34.32 38.47
N THR A 151 19.84 -35.04 37.61
CA THR A 151 20.28 -35.32 36.24
CA THR A 151 20.28 -35.29 36.23
C THR A 151 19.14 -35.09 35.24
N VAL A 152 19.51 -34.79 33.99
CA VAL A 152 18.57 -34.71 32.86
C VAL A 152 19.07 -35.55 31.68
N LYS A 153 18.19 -35.75 30.70
CA LYS A 153 18.60 -36.39 29.46
C LYS A 153 18.30 -35.44 28.30
N LEU A 154 19.34 -35.06 27.54
CA LEU A 154 19.16 -34.22 26.37
C LEU A 154 19.28 -35.05 25.11
N ASP A 155 18.29 -34.93 24.22
CA ASP A 155 18.35 -35.58 22.93
C ASP A 155 19.29 -34.77 22.03
N VAL A 156 20.59 -34.92 22.28
CA VAL A 156 21.65 -34.23 21.52
C VAL A 156 21.60 -34.55 20.03
N THR A 157 21.27 -35.79 19.67
CA THR A 157 21.26 -36.22 18.25
CA THR A 157 21.29 -36.19 18.26
C THR A 157 20.16 -35.51 17.44
N SER A 158 18.93 -35.52 17.96
CA SER A 158 17.81 -34.87 17.25
C SER A 158 18.02 -33.37 17.11
N LEU A 159 18.54 -32.74 18.18
CA LEU A 159 18.87 -31.32 18.18
C LEU A 159 20.00 -31.03 17.18
N LYS A 160 21.12 -31.76 17.29
CA LYS A 160 22.22 -31.56 16.30
C LYS A 160 21.76 -31.74 14.85
N ASN A 161 21.02 -32.82 14.57
CA ASN A 161 20.53 -33.10 13.20
C ASN A 161 19.64 -31.99 12.65
N ASP A 162 18.69 -31.54 13.45
CA ASP A 162 17.89 -30.36 13.05
C ASP A 162 18.68 -29.08 12.80
N LEU A 163 19.65 -28.76 13.65
CA LEU A 163 20.51 -27.59 13.43
C LEU A 163 21.37 -27.73 12.19
N ASN A 164 21.98 -28.89 12.03
CA ASN A 164 22.79 -29.18 10.82
C ASN A 164 22.03 -29.07 9.49
N SER A 165 20.80 -29.56 9.50
CA SER A 165 19.88 -29.45 8.38
C SER A 165 19.55 -28.00 8.03
N LEU A 166 19.41 -27.17 9.06
CA LEU A 166 19.21 -25.74 8.87
C LEU A 166 20.44 -25.10 8.23
N VAL A 167 21.60 -25.37 8.82
CA VAL A 167 22.87 -24.89 8.27
C VAL A 167 23.01 -25.31 6.79
N ASN A 168 22.74 -26.57 6.50
CA ASN A 168 22.87 -27.09 5.14
CA ASN A 168 22.84 -27.11 5.14
C ASN A 168 21.94 -26.34 4.20
N LYS A 169 20.69 -26.16 4.64
CA LYS A 169 19.71 -25.41 3.86
C LYS A 169 20.15 -23.99 3.50
N TYR A 170 20.63 -23.27 4.51
CA TYR A 170 20.94 -21.86 4.34
C TYR A 170 22.42 -21.59 3.95
N ASN A 171 23.18 -22.66 3.73
CA ASN A 171 24.54 -22.57 3.19
C ASN A 171 24.56 -22.61 1.66
N GLN A 172 23.41 -22.94 1.07
CA GLN A 172 23.22 -22.92 -0.37
C GLN A 172 23.09 -21.49 -0.85
N ILE A 173 23.17 -21.34 -2.18
CA ILE A 173 23.04 -20.03 -2.81
CA ILE A 173 23.03 -20.03 -2.79
C ILE A 173 21.82 -20.04 -3.72
N ASN A 174 20.77 -19.40 -3.23
CA ASN A 174 19.50 -19.30 -3.92
C ASN A 174 18.68 -18.15 -3.32
N SER A 175 17.46 -17.99 -3.81
CA SER A 175 16.64 -16.91 -3.29
C SER A 175 16.25 -16.97 -1.78
N ASN A 176 16.43 -18.13 -1.14
CA ASN A 176 16.17 -18.28 0.31
C ASN A 176 17.33 -17.80 1.17
N THR A 177 18.48 -17.58 0.55
CA THR A 177 19.69 -17.38 1.30
C THR A 177 20.42 -16.09 0.94
N VAL A 178 20.18 -15.55 -0.24
CA VAL A 178 20.99 -14.41 -0.70
C VAL A 178 20.37 -13.08 -0.25
N LEU A 179 21.13 -12.29 0.52
CA LEU A 179 20.71 -10.96 1.00
C LEU A 179 21.00 -9.88 -0.05
N PHE A 180 22.14 -10.04 -0.73
CA PHE A 180 22.52 -9.10 -1.76
C PHE A 180 23.35 -9.82 -2.85
N PRO A 181 23.09 -9.50 -4.13
CA PRO A 181 21.95 -8.74 -4.68
C PRO A 181 20.58 -9.35 -4.37
N ALA A 182 19.55 -8.52 -4.43
CA ALA A 182 18.19 -9.00 -4.47
C ALA A 182 18.02 -9.84 -5.75
N GLN A 183 17.32 -10.96 -5.63
CA GLN A 183 17.22 -11.91 -6.74
C GLN A 183 16.00 -11.61 -7.60
N SER A 184 16.04 -11.98 -8.89
CA SER A 184 14.84 -11.89 -9.71
C SER A 184 14.33 -13.28 -10.07
N GLY A 185 13.62 -13.43 -11.18
CA GLY A 185 12.94 -14.71 -11.48
C GLY A 185 13.85 -15.85 -11.89
N SER A 186 15.01 -15.49 -12.46
CA SER A 186 15.86 -16.48 -13.12
C SER A 186 17.30 -16.36 -12.67
N GLY A 187 17.97 -17.50 -12.56
CA GLY A 187 19.40 -17.54 -12.28
C GLY A 187 19.75 -16.97 -10.93
N VAL A 188 21.05 -16.72 -10.72
CA VAL A 188 21.52 -16.06 -9.52
C VAL A 188 22.16 -14.73 -9.93
N LYS A 189 21.55 -13.62 -9.50
CA LYS A 189 22.11 -12.31 -9.74
C LYS A 189 23.28 -12.15 -8.76
N VAL A 190 24.44 -11.77 -9.28
CA VAL A 190 25.67 -11.66 -8.49
C VAL A 190 26.23 -10.28 -8.66
N ALA A 191 27.15 -9.87 -7.79
CA ALA A 191 27.78 -8.54 -7.88
C ALA A 191 29.31 -8.71 -7.99
N THR A 192 30.03 -7.64 -8.23
CA THR A 192 31.47 -7.74 -8.26
C THR A 192 31.91 -7.94 -6.82
N GLU A 193 33.13 -8.45 -6.59
CA GLU A 193 33.64 -8.60 -5.23
C GLU A 193 33.60 -7.30 -4.43
N ALA A 194 33.92 -6.18 -5.08
CA ALA A 194 33.95 -4.88 -4.40
C ALA A 194 32.56 -4.45 -3.96
N GLU A 195 31.56 -4.64 -4.82
CA GLU A 195 30.19 -4.25 -4.53
C GLU A 195 29.66 -5.07 -3.36
N ALA A 196 29.92 -6.38 -3.39
CA ALA A 196 29.47 -7.29 -2.33
C ALA A 196 30.16 -7.00 -0.99
N ARG A 197 31.47 -6.74 -1.02
CA ARG A 197 32.18 -6.34 0.20
C ARG A 197 31.66 -5.06 0.78
N GLN A 198 31.29 -4.08 -0.04
CA GLN A 198 30.67 -2.83 0.46
C GLN A 198 29.40 -3.12 1.27
N TRP A 199 28.54 -3.98 0.73
CA TRP A 199 27.33 -4.36 1.47
C TRP A 199 27.60 -5.22 2.69
N LEU A 200 28.61 -6.09 2.62
CA LEU A 200 29.02 -6.85 3.80
C LEU A 200 29.33 -5.87 4.92
N SER A 201 30.18 -4.89 4.64
CA SER A 201 30.52 -3.83 5.61
CA SER A 201 30.50 -3.87 5.64
C SER A 201 29.27 -3.08 6.05
N GLU A 202 28.48 -2.63 5.05
CA GLU A 202 27.24 -1.88 5.36
C GLU A 202 26.33 -2.63 6.35
N LEU A 203 26.20 -3.94 6.15
CA LEU A 203 25.33 -4.76 7.00
C LEU A 203 25.98 -5.24 8.31
N ASN A 204 27.28 -5.01 8.47
CA ASN A 204 28.02 -5.43 9.67
C ASN A 204 28.02 -6.96 9.85
N LEU A 205 28.05 -7.67 8.72
CA LEU A 205 28.09 -9.13 8.72
C LEU A 205 29.54 -9.66 8.67
N PRO A 206 29.78 -10.85 9.24
CA PRO A 206 31.10 -11.51 9.26
C PRO A 206 31.51 -11.92 7.85
N ASN A 207 32.82 -12.11 7.68
CA ASN A 207 33.39 -12.41 6.38
C ASN A 207 32.82 -13.67 5.72
N SER A 208 32.36 -14.61 6.55
CA SER A 208 31.87 -15.87 6.06
C SER A 208 30.62 -15.69 5.19
N CYS A 209 29.98 -14.53 5.34
CA CYS A 209 28.77 -14.22 4.60
C CYS A 209 29.06 -13.82 3.16
N LEU A 210 30.31 -13.51 2.86
CA LEU A 210 30.65 -13.14 1.52
C LEU A 210 30.99 -14.43 0.75
N LYS A 211 30.23 -14.71 -0.32
CA LYS A 211 30.41 -15.95 -1.10
C LYS A 211 30.58 -15.73 -2.59
N SER A 212 31.56 -16.42 -3.17
CA SER A 212 31.70 -16.43 -4.63
CA SER A 212 31.73 -16.47 -4.62
C SER A 212 30.59 -17.29 -5.22
N TYR A 213 30.00 -16.82 -6.31
CA TYR A 213 29.11 -17.65 -7.07
C TYR A 213 29.31 -17.36 -8.57
N GLY A 214 29.75 -18.36 -9.34
CA GLY A 214 29.94 -18.15 -10.80
C GLY A 214 30.81 -16.95 -11.10
N SER A 215 30.26 -15.97 -11.83
CA SER A 215 30.99 -14.80 -12.26
C SER A 215 31.14 -13.66 -11.23
N GLY A 216 30.59 -13.83 -10.03
CA GLY A 216 30.73 -12.75 -9.06
C GLY A 216 30.56 -13.23 -7.64
N TYR A 217 29.92 -12.38 -6.84
CA TYR A 217 29.85 -12.54 -5.39
C TYR A 217 28.44 -12.24 -4.89
N VAL A 218 28.06 -12.90 -3.79
CA VAL A 218 26.80 -12.60 -3.09
C VAL A 218 27.06 -12.45 -1.60
N VAL A 219 26.10 -11.89 -0.87
CA VAL A 219 26.19 -11.86 0.59
C VAL A 219 25.01 -12.70 1.09
N THR A 220 25.29 -13.60 2.02
CA THR A 220 24.30 -14.55 2.52
C THR A 220 24.06 -14.38 4.02
N VAL A 221 23.11 -15.13 4.57
CA VAL A 221 22.85 -15.16 6.02
C VAL A 221 24.04 -15.70 6.83
N ASP A 222 24.17 -15.23 8.07
CA ASP A 222 25.25 -15.65 8.97
C ASP A 222 24.88 -16.96 9.69
N LEU A 223 25.67 -18.01 9.44
CA LEU A 223 25.45 -19.34 10.03
C LEU A 223 26.34 -19.63 11.25
N THR A 224 27.24 -18.71 11.56
CA THR A 224 28.24 -18.93 12.61
CA THR A 224 28.24 -18.89 12.63
C THR A 224 27.61 -19.34 13.96
N PRO A 225 26.56 -18.60 14.45
CA PRO A 225 25.99 -19.07 15.74
C PRO A 225 25.47 -20.50 15.71
N LEU A 226 24.87 -20.88 14.59
CA LEU A 226 24.35 -22.25 14.45
C LEU A 226 25.47 -23.30 14.48
N GLN A 227 26.53 -22.99 13.78
CA GLN A 227 27.67 -23.85 13.63
C GLN A 227 28.36 -24.02 14.99
N LYS A 228 28.47 -22.91 15.76
CA LYS A 228 28.97 -22.96 17.13
CA LYS A 228 28.94 -22.93 17.14
C LYS A 228 28.07 -23.81 18.04
N MET A 229 26.74 -23.66 17.93
CA MET A 229 25.80 -24.49 18.72
C MET A 229 26.05 -25.97 18.55
N VAL A 230 26.19 -26.39 17.30
CA VAL A 230 26.52 -27.78 16.98
C VAL A 230 27.88 -28.17 17.60
N GLN A 231 28.91 -27.34 17.41
CA GLN A 231 30.21 -27.61 18.07
C GLN A 231 30.07 -27.82 19.60
N ASP A 232 29.35 -26.93 20.26
CA ASP A 232 29.15 -27.03 21.72
C ASP A 232 28.36 -28.29 22.13
N ILE A 233 27.43 -28.73 21.29
CA ILE A 233 26.71 -30.00 21.49
C ILE A 233 27.68 -31.20 21.45
N ASP A 234 28.47 -31.30 20.37
CA ASP A 234 29.52 -32.35 20.30
C ASP A 234 30.50 -32.24 21.48
N GLY A 235 30.79 -31.01 21.90
CA GLY A 235 31.63 -30.72 23.08
C GLY A 235 31.17 -31.41 24.36
N LEU A 236 29.88 -31.71 24.44
CA LEU A 236 29.26 -32.36 25.61
C LEU A 236 29.68 -33.82 25.77
N GLY A 237 30.12 -34.42 24.66
CA GLY A 237 30.56 -35.81 24.62
C GLY A 237 29.55 -36.69 23.93
N ALA A 238 29.96 -37.93 23.66
CA ALA A 238 29.13 -38.85 22.90
C ALA A 238 27.85 -39.29 23.64
N PRO A 239 26.72 -39.41 22.91
CA PRO A 239 25.47 -39.86 23.51
C PRO A 239 25.57 -41.34 23.90
N GLY A 240 24.59 -41.82 24.68
CA GLY A 240 24.41 -43.23 24.99
C GLY A 240 23.75 -44.01 23.86
N LYS A 241 23.34 -45.24 24.15
CA LYS A 241 22.78 -46.16 23.15
C LYS A 241 21.47 -45.65 22.56
N ASP A 242 20.72 -44.91 23.38
CA ASP A 242 19.46 -44.31 22.97
C ASP A 242 19.62 -43.05 22.07
N SER A 243 20.86 -42.64 21.82
CA SER A 243 21.15 -41.42 21.02
C SER A 243 21.02 -40.11 21.82
N LYS A 244 20.85 -40.25 23.14
CA LYS A 244 20.62 -39.12 24.01
C LYS A 244 21.75 -39.03 25.02
N LEU A 245 21.81 -37.91 25.75
CA LEU A 245 22.94 -37.66 26.62
C LEU A 245 22.43 -37.34 28.01
N GLU A 246 22.78 -38.21 28.94
CA GLU A 246 22.55 -38.02 30.35
C GLU A 246 23.54 -37.01 30.90
N MET A 247 23.08 -36.07 31.71
CA MET A 247 23.92 -34.96 32.23
C MET A 247 23.43 -34.58 33.61
N ASP A 248 24.36 -34.17 34.48
CA ASP A 248 23.98 -33.61 35.77
C ASP A 248 23.43 -32.20 35.57
N ASN A 249 22.58 -31.74 36.48
CA ASN A 249 21.89 -30.44 36.30
C ASN A 249 22.86 -29.26 36.06
N ALA A 250 24.01 -29.28 36.75
CA ALA A 250 25.03 -28.24 36.60
C ALA A 250 25.61 -28.19 35.20
N LYS A 251 25.92 -29.36 34.63
CA LYS A 251 26.44 -29.41 33.27
C LYS A 251 25.38 -28.97 32.27
N TYR A 252 24.16 -29.46 32.47
CA TYR A 252 23.08 -29.04 31.59
C TYR A 252 22.89 -27.52 31.59
N GLN A 253 22.80 -26.93 32.78
CA GLN A 253 22.63 -25.50 32.92
C GLN A 253 23.75 -24.71 32.26
N ALA A 254 25.00 -25.19 32.37
CA ALA A 254 26.15 -24.50 31.78
C ALA A 254 26.03 -24.55 30.25
N TRP A 255 25.65 -25.72 29.74
CA TRP A 255 25.40 -25.87 28.30
C TRP A 255 24.27 -24.94 27.82
N GLN A 256 23.19 -24.86 28.61
CA GLN A 256 22.01 -24.09 28.19
C GLN A 256 22.37 -22.61 28.11
N SER A 257 23.13 -22.12 29.10
CA SER A 257 23.59 -20.74 29.07
CA SER A 257 23.62 -20.75 29.10
CA SER A 257 23.61 -20.75 29.08
C SER A 257 24.37 -20.44 27.80
N GLY A 258 25.27 -21.36 27.40
CA GLY A 258 26.05 -21.17 26.18
C GLY A 258 25.19 -21.23 24.94
N PHE A 259 24.17 -22.10 24.96
CA PHE A 259 23.25 -22.20 23.82
C PHE A 259 22.46 -20.92 23.64
N LYS A 260 21.88 -20.43 24.75
CA LYS A 260 21.16 -19.16 24.78
C LYS A 260 22.01 -17.97 24.30
N ALA A 261 23.31 -18.01 24.61
CA ALA A 261 24.25 -16.97 24.16
C ALA A 261 24.36 -16.95 22.63
N GLN A 262 24.42 -18.13 22.03
CA GLN A 262 24.37 -18.22 20.57
C GLN A 262 23.01 -17.80 19.98
N GLU A 263 21.90 -18.19 20.61
CA GLU A 263 20.63 -17.62 20.17
C GLU A 263 20.64 -16.08 20.22
N GLU A 264 21.23 -15.51 21.28
CA GLU A 264 21.34 -14.05 21.38
C GLU A 264 22.19 -13.42 20.26
N ASN A 265 23.22 -14.13 19.80
CA ASN A 265 24.02 -13.64 18.66
C ASN A 265 23.20 -13.53 17.39
N MET A 266 22.38 -14.55 17.12
CA MET A 266 21.46 -14.49 15.98
C MET A 266 20.39 -13.40 16.11
N LYS A 267 19.84 -13.26 17.32
CA LYS A 267 18.84 -12.22 17.58
C LYS A 267 19.45 -10.83 17.33
N THR A 268 20.68 -10.65 17.79
CA THR A 268 21.42 -9.39 17.67
C THR A 268 21.69 -9.07 16.20
N THR A 269 22.08 -10.10 15.44
CA THR A 269 22.31 -9.92 13.99
C THR A 269 21.02 -9.40 13.33
N LEU A 270 19.92 -10.06 13.62
CA LEU A 270 18.64 -9.72 12.99
C LEU A 270 18.27 -8.30 13.39
N GLN A 271 18.43 -7.99 14.68
CA GLN A 271 18.16 -6.65 15.21
C GLN A 271 18.97 -5.58 14.51
N THR A 272 20.28 -5.80 14.34
CA THR A 272 21.09 -4.83 13.60
C THR A 272 20.52 -4.59 12.19
N LEU A 273 20.13 -5.67 11.53
CA LEU A 273 19.67 -5.56 10.14
C LEU A 273 18.32 -4.86 10.07
N THR A 274 17.39 -5.22 10.95
CA THR A 274 16.07 -4.59 10.88
C THR A 274 16.17 -3.09 11.24
N GLN A 275 17.06 -2.73 12.15
CA GLN A 275 17.27 -1.31 12.51
C GLN A 275 17.84 -0.54 11.33
N LYS A 276 18.83 -1.16 10.69
CA LYS A 276 19.49 -0.54 9.54
C LYS A 276 18.45 -0.38 8.41
N TYR A 277 17.61 -1.41 8.19
CA TYR A 277 16.47 -1.30 7.22
C TYR A 277 15.64 -0.07 7.61
N SER A 278 15.22 0.01 8.88
CA SER A 278 14.36 1.13 9.32
C SER A 278 14.99 2.50 9.03
N ASN A 279 16.31 2.59 9.20
CA ASN A 279 17.02 3.84 8.95
C ASN A 279 17.15 4.17 7.44
N ALA A 280 17.30 3.12 6.63
CA ALA A 280 17.27 3.26 5.16
C ALA A 280 15.86 3.74 4.74
N ASN A 281 14.81 3.18 5.36
CA ASN A 281 13.44 3.55 5.07
C ASN A 281 13.19 5.03 5.54
N SER A 282 13.75 5.40 6.69
CA SER A 282 13.68 6.78 7.21
C SER A 282 14.43 7.76 6.29
N LEU A 283 15.57 7.35 5.75
CA LEU A 283 16.29 8.23 4.83
C LEU A 283 15.48 8.50 3.57
N TYR A 284 14.88 7.46 2.97
CA TYR A 284 13.95 7.66 1.85
C TYR A 284 12.75 8.54 2.22
N ASP A 285 12.17 8.27 3.39
CA ASP A 285 11.03 9.04 3.87
C ASP A 285 11.37 10.53 4.07
N ASN A 286 12.60 10.81 4.50
CA ASN A 286 13.05 12.21 4.64
C ASN A 286 13.07 12.90 3.29
N LEU A 287 13.48 12.16 2.26
CA LEU A 287 13.40 12.71 0.91
C LEU A 287 11.94 12.91 0.47
N VAL A 288 11.06 11.95 0.76
CA VAL A 288 9.62 12.08 0.51
C VAL A 288 9.06 13.35 1.20
N LYS A 289 9.50 13.61 2.45
CA LYS A 289 9.04 14.82 3.15
C LYS A 289 9.44 16.11 2.46
N VAL A 290 10.67 16.14 1.95
CA VAL A 290 11.16 17.27 1.15
C VAL A 290 10.27 17.52 -0.08
N LEU A 291 9.95 16.45 -0.80
CA LEU A 291 8.97 16.46 -1.93
C LEU A 291 7.61 17.01 -1.47
N SER A 292 7.06 16.45 -0.38
CA SER A 292 5.75 16.89 0.12
C SER A 292 5.78 18.36 0.53
N SER A 293 6.81 18.78 1.28
CA SER A 293 6.97 20.20 1.67
C SER A 293 7.10 21.12 0.44
N THR A 294 7.85 20.70 -0.55
CA THR A 294 7.98 21.49 -1.75
C THR A 294 6.64 21.68 -2.43
N ILE A 295 5.93 20.58 -2.62
CA ILE A 295 4.62 20.63 -3.27
C ILE A 295 3.60 21.46 -2.46
N SER A 296 3.57 21.26 -1.15
CA SER A 296 2.70 22.10 -0.28
C SER A 296 3.03 23.60 -0.41
N SER A 297 4.30 23.98 -0.48
CA SER A 297 4.67 25.40 -0.66
C SER A 297 4.23 25.97 -2.02
N SER A 298 4.35 25.17 -3.09
CA SER A 298 3.81 25.56 -4.40
C SER A 298 2.27 25.74 -4.38
N LEU A 299 1.61 24.86 -3.66
CA LEU A 299 0.16 24.89 -3.58
C LEU A 299 -0.24 26.19 -2.85
N GLU A 300 0.49 26.53 -1.79
CA GLU A 300 0.25 27.83 -1.10
C GLU A 300 0.39 29.00 -2.08
N THR A 301 1.48 28.97 -2.83
CA THR A 301 1.74 29.98 -3.84
C THR A 301 0.63 30.12 -4.88
N ALA A 302 0.10 28.99 -5.35
CA ALA A 302 -1.01 28.97 -6.31
C ALA A 302 -2.32 29.52 -5.73
N LYS A 303 -2.44 29.43 -4.40
CA LYS A 303 -3.67 29.87 -3.71
C LYS A 303 -3.57 31.30 -3.17
N SER A 304 -2.38 31.87 -3.24
CA SER A 304 -2.06 33.09 -2.49
C SER A 304 -2.03 34.29 -3.43
N PHE A 305 -2.39 35.46 -2.90
CA PHE A 305 -2.39 36.66 -3.71
C PHE A 305 -2.21 37.89 -2.83
N LEU A 306 -1.33 38.76 -3.31
CA LEU A 306 -0.98 40.00 -2.64
C LEU A 306 -2.10 40.97 -2.80
N GLN A 307 -2.45 41.58 -1.68
CA GLN A 307 -3.42 42.65 -1.58
C GLN A 307 -2.92 43.87 -2.32
N SER B 12 -30.12 39.66 -16.04
CA SER B 12 -29.26 38.58 -16.64
C SER B 12 -28.28 38.04 -15.59
N LEU B 13 -27.45 38.93 -15.07
CA LEU B 13 -26.48 38.61 -14.04
C LEU B 13 -27.17 38.14 -12.76
N SER B 14 -28.25 38.82 -12.37
CA SER B 14 -28.95 38.45 -11.13
C SER B 14 -29.60 37.07 -11.29
N GLN B 15 -30.14 36.80 -12.47
CA GLN B 15 -30.70 35.50 -12.81
C GLN B 15 -29.62 34.44 -12.70
N ALA B 16 -28.48 34.70 -13.34
CA ALA B 16 -27.36 33.79 -13.26
C ALA B 16 -26.94 33.61 -11.80
N ALA B 17 -26.75 34.72 -11.06
CA ALA B 17 -26.33 34.62 -9.65
C ALA B 17 -27.21 33.69 -8.81
N THR B 18 -28.51 33.80 -9.02
CA THR B 18 -29.51 33.06 -8.26
C THR B 18 -29.43 31.57 -8.58
N LYS B 19 -29.48 31.23 -9.87
CA LYS B 19 -29.36 29.84 -10.32
C LYS B 19 -28.05 29.16 -9.85
N ILE B 20 -26.93 29.88 -9.92
CA ILE B 20 -25.61 29.41 -9.44
C ILE B 20 -25.58 29.12 -7.92
N HIS B 21 -26.13 30.05 -7.13
CA HIS B 21 -26.32 29.86 -5.70
C HIS B 21 -27.18 28.62 -5.38
N GLN B 22 -28.24 28.41 -6.15
CA GLN B 22 -29.09 27.21 -6.01
C GLN B 22 -28.34 25.90 -6.31
N ALA B 23 -27.71 25.84 -7.48
CA ALA B 23 -26.87 24.67 -7.85
C ALA B 23 -25.83 24.43 -6.76
N GLN B 24 -25.18 25.50 -6.31
CA GLN B 24 -24.17 25.37 -5.24
C GLN B 24 -24.72 24.75 -3.97
N GLN B 25 -25.92 25.16 -3.57
CA GLN B 25 -26.57 24.66 -2.37
C GLN B 25 -26.83 23.14 -2.49
N THR B 26 -27.28 22.71 -3.65
CA THR B 26 -27.52 21.30 -3.89
C THR B 26 -26.22 20.48 -3.75
N LEU B 27 -25.12 21.00 -4.29
CA LEU B 27 -23.87 20.21 -4.34
C LEU B 27 -23.14 20.18 -2.99
N GLN B 28 -23.43 21.18 -2.17
CA GLN B 28 -22.88 21.19 -0.83
CA GLN B 28 -22.95 21.27 -0.80
C GLN B 28 -23.69 20.29 0.12
N SER B 29 -24.95 20.03 -0.21
CA SER B 29 -25.85 19.35 0.71
C SER B 29 -26.24 17.89 0.38
N THR B 30 -26.09 17.48 -0.88
CA THR B 30 -26.59 16.20 -1.35
C THR B 30 -25.45 15.18 -1.43
N PRO B 31 -25.48 14.16 -0.55
CA PRO B 31 -24.38 13.19 -0.60
C PRO B 31 -24.54 12.29 -1.82
N PRO B 32 -23.42 11.95 -2.46
CA PRO B 32 -23.41 11.17 -3.70
C PRO B 32 -23.56 9.66 -3.40
N ILE B 33 -24.63 9.32 -2.66
CA ILE B 33 -24.84 7.94 -2.20
C ILE B 33 -25.93 7.11 -2.90
N SER B 34 -26.57 7.66 -3.93
CA SER B 34 -27.58 6.90 -4.66
C SER B 34 -27.70 7.46 -6.07
N GLU B 35 -28.32 6.69 -6.97
CA GLU B 35 -28.63 7.16 -8.31
C GLU B 35 -29.44 8.46 -8.30
N GLU B 36 -30.45 8.52 -7.41
CA GLU B 36 -31.34 9.67 -7.28
C GLU B 36 -30.58 10.94 -6.87
N ASN B 37 -29.72 10.82 -5.87
CA ASN B 37 -28.89 11.91 -5.39
C ASN B 37 -27.91 12.36 -6.48
N ASN B 38 -27.33 11.41 -7.18
CA ASN B 38 -26.35 11.79 -8.21
C ASN B 38 -27.02 12.45 -9.42
N ASP B 39 -28.23 11.98 -9.73
CA ASP B 39 -29.05 12.64 -10.75
C ASP B 39 -29.30 14.10 -10.36
N GLU B 40 -29.62 14.35 -9.10
CA GLU B 40 -29.85 15.70 -8.59
C GLU B 40 -28.58 16.59 -8.69
N ARG B 41 -27.43 16.00 -8.34
CA ARG B 41 -26.15 16.70 -8.42
C ARG B 41 -25.80 17.04 -9.92
N THR B 42 -25.96 16.08 -10.81
CA THR B 42 -25.74 16.29 -12.26
C THR B 42 -26.69 17.39 -12.81
N LEU B 43 -27.96 17.35 -12.37
CA LEU B 43 -28.92 18.38 -12.73
C LEU B 43 -28.58 19.79 -12.24
N ALA B 44 -28.12 19.90 -10.98
CA ALA B 44 -27.59 21.16 -10.40
C ALA B 44 -26.49 21.75 -11.32
N ARG B 45 -25.58 20.90 -11.74
CA ARG B 45 -24.50 21.37 -12.62
C ARG B 45 -25.01 21.84 -13.99
N GLN B 46 -26.02 21.16 -14.51
CA GLN B 46 -26.65 21.54 -15.79
C GLN B 46 -27.31 22.92 -15.68
N GLN B 47 -27.96 23.14 -14.54
CA GLN B 47 -28.52 24.44 -14.21
C GLN B 47 -27.43 25.53 -14.24
N LEU B 48 -26.31 25.27 -13.57
CA LEU B 48 -25.20 26.21 -13.51
C LEU B 48 -24.61 26.45 -14.93
N THR B 49 -24.34 25.38 -15.67
CA THR B 49 -23.78 25.56 -17.01
C THR B 49 -24.75 26.27 -17.99
N SER B 50 -26.05 26.03 -17.86
CA SER B 50 -27.06 26.69 -18.70
C SER B 50 -27.15 28.21 -18.39
N SER B 51 -26.89 28.58 -17.13
CA SER B 51 -26.80 29.99 -16.75
CA SER B 51 -26.79 29.99 -16.73
C SER B 51 -25.57 30.67 -17.36
N LEU B 52 -24.47 29.91 -17.49
CA LEU B 52 -23.26 30.42 -18.15
C LEU B 52 -23.45 30.53 -19.66
N ASN B 53 -24.28 29.66 -20.21
CA ASN B 53 -24.65 29.75 -21.63
C ASN B 53 -25.60 30.92 -21.88
N ALA B 54 -26.49 31.21 -20.91
CA ALA B 54 -27.38 32.39 -20.96
C ALA B 54 -26.61 33.71 -20.84
N LEU B 55 -25.58 33.75 -20.00
CA LEU B 55 -24.70 34.91 -19.87
C LEU B 55 -23.89 35.17 -21.13
N ALA B 56 -23.39 34.09 -21.74
CA ALA B 56 -22.58 34.20 -22.96
C ALA B 56 -23.29 34.93 -24.13
N VAL B 60 -23.17 40.29 -22.12
CA VAL B 60 -22.55 40.59 -20.84
C VAL B 60 -21.05 40.44 -20.94
N SER B 61 -20.33 41.55 -20.87
CA SER B 61 -18.87 41.52 -20.97
C SER B 61 -18.22 41.87 -19.62
N LEU B 62 -16.94 41.56 -19.47
CA LEU B 62 -16.22 41.71 -18.21
C LEU B 62 -14.98 42.60 -18.35
N SER B 63 -14.39 42.98 -17.22
CA SER B 63 -13.14 43.74 -17.25
C SER B 63 -11.96 42.81 -17.60
N ALA B 64 -10.85 43.39 -18.03
CA ALA B 64 -9.68 42.61 -18.42
C ALA B 64 -9.18 41.76 -17.23
N GLU B 65 -9.25 42.34 -16.03
CA GLU B 65 -8.87 41.65 -14.79
C GLU B 65 -9.81 40.48 -14.44
N GLN B 66 -11.12 40.68 -14.66
CA GLN B 66 -12.09 39.57 -14.56
C GLN B 66 -11.86 38.47 -15.59
N ASN B 67 -11.64 38.84 -16.85
CA ASN B 67 -11.31 37.85 -17.87
C ASN B 67 -10.08 37.05 -17.43
N GLU B 68 -9.05 37.76 -16.93
CA GLU B 68 -7.77 37.16 -16.52
C GLU B 68 -7.97 36.18 -15.35
N ASN B 69 -8.75 36.62 -14.37
CA ASN B 69 -9.13 35.82 -13.20
C ASN B 69 -9.78 34.50 -13.61
N LEU B 70 -10.75 34.59 -14.52
CA LEU B 70 -11.47 33.45 -15.03
C LEU B 70 -10.59 32.51 -15.87
N ARG B 71 -9.74 33.06 -16.75
CA ARG B 71 -8.82 32.20 -17.51
C ARG B 71 -7.90 31.40 -16.58
N SER B 72 -7.47 32.06 -15.53
CA SER B 72 -6.55 31.47 -14.54
C SER B 72 -7.20 30.36 -13.70
N ALA B 73 -8.37 30.66 -13.13
CA ALA B 73 -9.03 29.71 -12.27
C ALA B 73 -9.57 28.54 -13.05
N PHE B 74 -10.08 28.80 -14.26
CA PHE B 74 -10.72 27.78 -15.07
C PHE B 74 -9.81 27.09 -16.10
N SER B 75 -8.65 26.65 -15.63
CA SER B 75 -7.68 25.88 -16.40
C SER B 75 -7.66 24.48 -15.79
N ALA B 76 -7.44 23.47 -16.64
CA ALA B 76 -7.37 22.08 -16.17
C ALA B 76 -6.45 21.34 -17.10
N PRO B 77 -5.81 20.27 -16.59
CA PRO B 77 -4.92 19.49 -17.43
C PRO B 77 -5.69 18.75 -18.54
N THR B 78 -4.98 18.41 -19.61
CA THR B 78 -5.59 17.62 -20.71
C THR B 78 -5.41 16.14 -20.41
N SER B 79 -6.47 15.52 -19.89
CA SER B 79 -6.42 14.10 -19.55
CA SER B 79 -6.42 14.11 -19.53
C SER B 79 -7.83 13.51 -19.57
N ALA B 80 -7.91 12.18 -19.44
CA ALA B 80 -9.17 11.46 -19.33
C ALA B 80 -10.03 12.02 -18.19
N LEU B 81 -9.35 12.46 -17.13
CA LEU B 81 -10.03 12.87 -15.90
C LEU B 81 -10.82 14.17 -16.11
N PHE B 82 -10.37 15.01 -17.05
CA PHE B 82 -10.98 16.31 -17.33
C PHE B 82 -11.33 16.54 -18.81
N TRP B 100 -17.00 33.33 -21.07
CA TRP B 100 -18.19 32.67 -20.50
C TRP B 100 -18.39 31.30 -21.11
N ASP B 101 -18.02 31.17 -22.38
CA ASP B 101 -18.07 29.88 -23.05
C ASP B 101 -16.90 29.01 -22.64
N MET B 102 -15.72 29.61 -22.48
CA MET B 102 -14.61 28.83 -21.99
C MET B 102 -14.82 28.41 -20.53
N VAL B 103 -15.40 29.30 -19.71
CA VAL B 103 -15.71 28.95 -18.32
C VAL B 103 -16.68 27.77 -18.32
N SER B 104 -17.73 27.87 -19.15
CA SER B 104 -18.73 26.81 -19.28
C SER B 104 -18.14 25.45 -19.71
N GLN B 105 -17.33 25.46 -20.76
CA GLN B 105 -16.64 24.26 -21.24
C GLN B 105 -15.74 23.59 -20.20
N ASN B 106 -14.91 24.40 -19.54
CA ASN B 106 -13.98 23.91 -18.56
C ASN B 106 -14.68 23.44 -17.29
N ILE B 107 -15.65 24.21 -16.80
CA ILE B 107 -16.39 23.73 -15.61
C ILE B 107 -17.25 22.47 -15.90
N SER B 108 -17.81 22.37 -17.11
CA SER B 108 -18.54 21.16 -17.52
C SER B 108 -17.63 19.95 -17.47
N ALA B 109 -16.41 20.14 -17.94
CA ALA B 109 -15.44 19.08 -18.00
C ALA B 109 -15.07 18.59 -16.61
N ILE B 110 -14.78 19.52 -15.69
CA ILE B 110 -14.44 19.16 -14.29
C ILE B 110 -15.68 18.49 -13.68
N GLY B 111 -16.85 19.07 -13.93
CA GLY B 111 -18.11 18.60 -13.31
C GLY B 111 -18.55 17.22 -13.74
N ASP B 112 -18.48 16.97 -15.03
CA ASP B 112 -18.93 15.70 -15.57
C ASP B 112 -17.85 14.65 -15.68
N SER B 113 -16.66 15.01 -16.13
CA SER B 113 -15.58 14.02 -16.30
C SER B 113 -14.80 13.71 -15.03
N TYR B 114 -14.85 14.60 -14.03
CA TYR B 114 -14.03 14.38 -12.87
C TYR B 114 -14.93 14.19 -11.62
N LEU B 115 -15.61 15.25 -11.21
CA LEU B 115 -16.55 15.12 -10.07
C LEU B 115 -17.65 14.08 -10.36
N GLY B 116 -18.27 14.12 -11.55
CA GLY B 116 -19.33 13.12 -11.90
C GLY B 116 -18.87 11.67 -11.75
N VAL B 117 -17.61 11.42 -12.10
CA VAL B 117 -17.05 10.07 -11.95
C VAL B 117 -16.88 9.72 -10.47
N TYR B 118 -16.28 10.63 -9.71
CA TYR B 118 -16.22 10.44 -8.28
C TYR B 118 -17.60 10.23 -7.60
N GLU B 119 -18.64 10.91 -8.04
CA GLU B 119 -19.99 10.70 -7.41
C GLU B 119 -20.46 9.28 -7.66
N ASN B 120 -20.25 8.80 -8.88
CA ASN B 120 -20.60 7.42 -9.27
C ASN B 120 -19.79 6.40 -8.44
N VAL B 121 -18.50 6.71 -8.26
CA VAL B 121 -17.62 5.86 -7.46
C VAL B 121 -18.16 5.68 -6.04
N VAL B 122 -18.49 6.80 -5.38
CA VAL B 122 -18.98 6.75 -3.99
C VAL B 122 -20.30 5.99 -3.93
N ALA B 123 -21.20 6.25 -4.86
CA ALA B 123 -22.49 5.54 -4.83
C ALA B 123 -22.34 4.03 -5.00
N VAL B 124 -21.54 3.61 -5.99
CA VAL B 124 -21.26 2.17 -6.21
C VAL B 124 -20.56 1.52 -5.00
N TYR B 125 -19.57 2.22 -4.46
CA TYR B 125 -18.74 1.60 -3.42
C TYR B 125 -19.54 1.55 -2.11
N THR B 126 -20.41 2.54 -1.90
CA THR B 126 -21.29 2.56 -0.72
CA THR B 126 -21.26 2.52 -0.69
C THR B 126 -22.27 1.38 -0.71
N ASP B 127 -22.90 1.14 -1.86
CA ASP B 127 -23.81 0.02 -1.95
C ASP B 127 -23.08 -1.30 -1.85
N PHE B 128 -21.86 -1.37 -2.42
CA PHE B 128 -20.98 -2.55 -2.31
C PHE B 128 -20.68 -2.82 -0.84
N TYR B 129 -20.27 -1.78 -0.13
CA TYR B 129 -19.88 -1.99 1.25
C TYR B 129 -21.10 -2.36 2.11
N GLN B 130 -22.26 -1.79 1.78
CA GLN B 130 -23.52 -2.19 2.42
C GLN B 130 -23.82 -3.68 2.26
N ALA B 131 -23.70 -4.16 1.03
CA ALA B 131 -23.86 -5.62 0.77
C ALA B 131 -22.89 -6.48 1.62
N PHE B 132 -21.65 -6.05 1.73
CA PHE B 132 -20.72 -6.68 2.63
C PHE B 132 -21.18 -6.59 4.12
N SER B 133 -21.61 -5.40 4.52
CA SER B 133 -22.09 -5.20 5.92
C SER B 133 -23.27 -6.14 6.27
N ASP B 134 -24.12 -6.38 5.28
CA ASP B 134 -25.20 -7.36 5.41
C ASP B 134 -24.70 -8.80 5.64
N ILE B 135 -23.62 -9.17 4.99
CA ILE B 135 -22.95 -10.43 5.31
C ILE B 135 -22.41 -10.42 6.73
N LEU B 136 -21.72 -9.33 7.14
CA LEU B 136 -21.21 -9.29 8.52
C LEU B 136 -22.34 -9.47 9.56
N SER B 137 -23.52 -8.96 9.27
CA SER B 137 -24.64 -9.03 10.23
C SER B 137 -25.10 -10.47 10.49
N LYS B 138 -24.70 -11.39 9.65
CA LYS B 138 -25.05 -12.81 9.81
C LYS B 138 -23.98 -13.63 10.55
N MET B 139 -22.84 -13.02 10.82
CA MET B 139 -21.69 -13.79 11.32
C MET B 139 -21.90 -14.34 12.73
N GLY B 140 -22.59 -13.57 13.57
CA GLY B 140 -22.92 -14.03 14.91
C GLY B 140 -23.65 -15.35 14.87
N GLY B 141 -24.68 -15.43 14.03
CA GLY B 141 -25.44 -16.66 13.83
C GLY B 141 -24.69 -17.85 13.21
N TRP B 142 -23.56 -17.57 12.56
CA TRP B 142 -22.73 -18.62 11.96
C TRP B 142 -21.59 -19.09 12.88
N LEU B 143 -21.53 -18.55 14.10
CA LEU B 143 -20.58 -18.98 15.08
C LEU B 143 -21.38 -19.60 16.24
N LEU B 144 -21.19 -20.90 16.41
CA LEU B 144 -21.91 -21.69 17.42
C LEU B 144 -20.97 -22.09 18.60
N PRO B 145 -21.54 -22.38 19.80
CA PRO B 145 -20.70 -22.88 20.91
C PRO B 145 -20.14 -24.26 20.53
N GLY B 146 -18.95 -24.59 20.99
CA GLY B 146 -18.34 -25.87 20.67
C GLY B 146 -18.57 -26.83 21.82
N LYS B 147 -17.78 -27.91 21.83
CA LYS B 147 -17.89 -28.99 22.82
C LYS B 147 -17.52 -28.57 24.24
N ASP B 148 -16.73 -27.51 24.36
CA ASP B 148 -16.33 -26.98 25.66
C ASP B 148 -16.02 -25.50 25.55
N GLY B 149 -15.52 -24.91 26.64
CA GLY B 149 -15.27 -23.47 26.69
C GLY B 149 -14.08 -23.01 25.85
N ASN B 150 -13.36 -23.96 25.29
CA ASN B 150 -12.16 -23.64 24.49
C ASN B 150 -12.41 -23.89 22.98
N THR B 151 -13.65 -24.21 22.63
CA THR B 151 -13.95 -24.65 21.27
C THR B 151 -15.18 -23.91 20.74
N VAL B 152 -15.19 -23.64 19.43
CA VAL B 152 -16.34 -23.02 18.77
C VAL B 152 -16.58 -23.82 17.50
N LYS B 153 -17.74 -23.60 16.88
CA LYS B 153 -17.98 -24.15 15.57
C LYS B 153 -18.35 -23.02 14.60
N LEU B 154 -17.63 -22.90 13.48
CA LEU B 154 -17.89 -21.81 12.53
C LEU B 154 -18.58 -22.38 11.28
N ASP B 155 -19.67 -21.77 10.89
CA ASP B 155 -20.30 -22.19 9.62
C ASP B 155 -19.51 -21.65 8.43
N VAL B 156 -18.39 -22.30 8.14
CA VAL B 156 -17.51 -21.85 7.05
C VAL B 156 -18.21 -21.92 5.69
N THR B 157 -19.09 -22.90 5.52
CA THR B 157 -19.74 -23.06 4.21
C THR B 157 -20.72 -21.92 3.91
N SER B 158 -21.62 -21.59 4.84
CA SER B 158 -22.58 -20.52 4.57
C SER B 158 -21.85 -19.18 4.37
N LEU B 159 -20.80 -18.93 5.17
CA LEU B 159 -20.02 -17.66 5.09
C LEU B 159 -19.29 -17.59 3.75
N LYS B 160 -18.63 -18.67 3.40
CA LYS B 160 -17.87 -18.70 2.14
C LYS B 160 -18.86 -18.55 0.97
N ASN B 161 -20.01 -19.20 1.07
CA ASN B 161 -20.96 -19.08 -0.06
C ASN B 161 -21.47 -17.64 -0.24
N ASP B 162 -21.81 -17.00 0.87
CA ASP B 162 -22.20 -15.59 0.87
C ASP B 162 -21.06 -14.70 0.30
N LEU B 163 -19.82 -14.92 0.76
CA LEU B 163 -18.71 -14.11 0.25
C LEU B 163 -18.50 -14.32 -1.22
N ASN B 164 -18.55 -15.57 -1.68
CA ASN B 164 -18.35 -15.84 -3.10
C ASN B 164 -19.49 -15.28 -3.98
N SER B 165 -20.70 -15.26 -3.42
CA SER B 165 -21.86 -14.70 -4.14
C SER B 165 -21.73 -13.19 -4.34
N LEU B 166 -21.17 -12.53 -3.33
CA LEU B 166 -20.86 -11.11 -3.42
C LEU B 166 -19.75 -10.83 -4.43
N VAL B 167 -18.66 -11.60 -4.37
CA VAL B 167 -17.63 -11.50 -5.41
C VAL B 167 -18.28 -11.68 -6.80
N ASN B 168 -19.08 -12.74 -6.96
CA ASN B 168 -19.87 -13.01 -8.19
C ASN B 168 -20.75 -11.81 -8.63
N LYS B 169 -21.48 -11.21 -7.68
CA LYS B 169 -22.34 -10.03 -7.95
C LYS B 169 -21.51 -8.90 -8.54
N TYR B 170 -20.38 -8.63 -7.90
CA TYR B 170 -19.58 -7.50 -8.31
C TYR B 170 -18.56 -7.80 -9.41
N ASN B 171 -18.52 -9.07 -9.86
CA ASN B 171 -17.86 -9.41 -11.12
C ASN B 171 -18.79 -9.22 -12.36
N GLN B 172 -20.07 -8.92 -12.15
CA GLN B 172 -20.98 -8.58 -13.27
C GLN B 172 -20.75 -7.14 -13.67
N ILE B 173 -21.16 -6.82 -14.90
CA ILE B 173 -20.96 -5.49 -15.46
CA ILE B 173 -20.95 -5.49 -15.45
C ILE B 173 -22.31 -4.87 -15.68
N ASN B 174 -22.62 -3.86 -14.88
CA ASN B 174 -23.89 -3.14 -14.95
C ASN B 174 -23.79 -1.84 -14.16
N SER B 175 -24.89 -1.11 -14.06
CA SER B 175 -24.91 0.24 -13.46
CA SER B 175 -24.89 0.24 -13.45
C SER B 175 -24.59 0.24 -11.96
N ASN B 176 -24.80 -0.91 -11.32
CA ASN B 176 -24.54 -1.03 -9.91
CA ASN B 176 -24.54 -1.05 -9.90
C ASN B 176 -23.09 -1.48 -9.60
N THR B 177 -22.35 -1.89 -10.63
CA THR B 177 -21.03 -2.47 -10.43
C THR B 177 -19.83 -1.72 -11.06
N VAL B 178 -20.09 -0.77 -11.97
CA VAL B 178 -19.04 -0.06 -12.71
C VAL B 178 -18.73 1.31 -12.07
N LEU B 179 -17.47 1.50 -11.67
CA LEU B 179 -16.95 2.78 -11.11
C LEU B 179 -16.67 3.83 -12.18
N PHE B 180 -16.06 3.39 -13.28
CA PHE B 180 -15.74 4.26 -14.39
C PHE B 180 -15.89 3.47 -15.70
N PRO B 181 -16.53 4.07 -16.75
CA PRO B 181 -17.25 5.35 -16.72
C PRO B 181 -18.51 5.32 -15.88
N ALA B 182 -19.04 6.51 -15.60
CA ALA B 182 -20.39 6.61 -15.02
C ALA B 182 -21.43 6.02 -16.00
N GLN B 183 -22.41 5.34 -15.45
CA GLN B 183 -23.43 4.65 -16.24
C GLN B 183 -24.78 5.36 -16.22
N GLY B 187 -27.61 0.51 -22.68
CA GLY B 187 -26.28 -0.03 -22.95
C GLY B 187 -25.37 -0.05 -21.73
N VAL B 188 -24.10 -0.36 -21.97
CA VAL B 188 -23.07 -0.13 -20.94
C VAL B 188 -22.14 0.90 -21.53
N LYS B 189 -21.81 1.93 -20.75
CA LYS B 189 -20.84 2.94 -21.26
C LYS B 189 -19.43 2.46 -20.95
N VAL B 190 -18.60 2.43 -21.97
CA VAL B 190 -17.24 1.95 -21.86
C VAL B 190 -16.23 3.05 -22.23
N ALA B 191 -14.97 2.82 -21.90
CA ALA B 191 -13.93 3.79 -22.13
C ALA B 191 -12.84 3.10 -22.88
N THR B 192 -11.91 3.88 -23.41
CA THR B 192 -10.69 3.31 -23.98
C THR B 192 -9.83 2.77 -22.85
N GLU B 193 -8.90 1.87 -23.20
CA GLU B 193 -7.93 1.32 -22.25
C GLU B 193 -7.13 2.38 -21.52
N ALA B 194 -6.67 3.39 -22.24
CA ALA B 194 -5.89 4.48 -21.67
C ALA B 194 -6.72 5.29 -20.64
N GLU B 195 -7.96 5.61 -21.01
CA GLU B 195 -8.86 6.36 -20.16
C GLU B 195 -9.12 5.61 -18.87
N ALA B 196 -9.46 4.33 -19.01
CA ALA B 196 -9.72 3.43 -17.89
C ALA B 196 -8.49 3.26 -17.02
N ARG B 197 -7.28 3.18 -17.63
CA ARG B 197 -6.04 3.08 -16.83
C ARG B 197 -5.67 4.36 -16.11
N GLN B 198 -6.06 5.52 -16.65
CA GLN B 198 -5.83 6.79 -15.95
C GLN B 198 -6.67 6.84 -14.67
N TRP B 199 -7.88 6.27 -14.76
CA TRP B 199 -8.78 6.20 -13.56
C TRP B 199 -8.32 5.18 -12.53
N LEU B 200 -7.64 4.14 -13.00
CA LEU B 200 -7.18 3.08 -12.13
C LEU B 200 -6.11 3.71 -11.24
N SER B 201 -5.26 4.55 -11.87
CA SER B 201 -4.26 5.31 -11.16
C SER B 201 -4.83 6.35 -10.22
N GLU B 202 -5.83 7.10 -10.70
CA GLU B 202 -6.46 8.14 -9.91
C GLU B 202 -7.14 7.56 -8.66
N LEU B 203 -7.80 6.40 -8.82
CA LEU B 203 -8.57 5.76 -7.73
C LEU B 203 -7.70 4.82 -6.88
N ASN B 204 -6.44 4.65 -7.31
CA ASN B 204 -5.49 3.76 -6.64
C ASN B 204 -5.98 2.30 -6.48
N LEU B 205 -6.46 1.74 -7.58
CA LEU B 205 -7.02 0.39 -7.60
C LEU B 205 -6.12 -0.52 -8.43
N PRO B 206 -6.05 -1.81 -8.08
CA PRO B 206 -5.21 -2.79 -8.76
C PRO B 206 -5.70 -3.14 -10.16
N ASN B 207 -4.87 -3.88 -10.90
CA ASN B 207 -5.16 -4.19 -12.28
C ASN B 207 -6.36 -5.13 -12.49
N SER B 208 -6.66 -5.93 -11.47
CA SER B 208 -7.82 -6.81 -11.47
C SER B 208 -9.14 -6.01 -11.58
N CYS B 209 -9.10 -4.72 -11.27
CA CYS B 209 -10.26 -3.82 -11.41
C CYS B 209 -10.56 -3.37 -12.88
N LEU B 210 -9.59 -3.54 -13.75
CA LEU B 210 -9.76 -3.22 -15.17
C LEU B 210 -10.43 -4.39 -15.94
N LYS B 211 -11.57 -4.12 -16.57
CA LYS B 211 -12.30 -5.19 -17.26
C LYS B 211 -12.60 -4.74 -18.67
N SER B 212 -12.53 -5.71 -19.58
CA SER B 212 -12.99 -5.50 -20.93
C SER B 212 -14.52 -5.64 -20.97
N TYR B 213 -15.17 -4.77 -21.74
CA TYR B 213 -16.60 -4.97 -22.04
C TYR B 213 -16.94 -4.50 -23.47
N GLY B 214 -17.58 -5.38 -24.25
CA GLY B 214 -17.90 -5.04 -25.63
C GLY B 214 -16.63 -4.56 -26.30
N SER B 215 -16.65 -3.33 -26.82
CA SER B 215 -15.48 -2.78 -27.51
C SER B 215 -14.48 -2.09 -26.58
N GLY B 216 -14.93 -1.71 -25.37
CA GLY B 216 -14.10 -0.91 -24.48
C GLY B 216 -13.69 -1.54 -23.16
N TYR B 217 -13.55 -0.69 -22.15
CA TYR B 217 -13.06 -1.11 -20.84
C TYR B 217 -13.84 -0.35 -19.76
N VAL B 218 -13.99 -1.00 -18.61
CA VAL B 218 -14.64 -0.45 -17.41
C VAL B 218 -13.71 -0.69 -16.20
N VAL B 219 -13.87 0.10 -15.13
CA VAL B 219 -13.13 -0.11 -13.88
C VAL B 219 -14.18 -0.56 -12.87
N THR B 220 -13.91 -1.65 -12.17
CA THR B 220 -14.87 -2.16 -11.21
C THR B 220 -14.30 -2.16 -9.80
N VAL B 221 -15.10 -2.59 -8.84
CA VAL B 221 -14.71 -2.63 -7.43
C VAL B 221 -13.54 -3.61 -7.13
N ASP B 222 -12.68 -3.24 -6.18
CA ASP B 222 -11.59 -4.13 -5.78
C ASP B 222 -12.14 -5.31 -4.96
N LEU B 223 -12.17 -6.50 -5.55
CA LEU B 223 -12.68 -7.68 -4.87
C LEU B 223 -11.60 -8.51 -4.18
N THR B 224 -10.35 -8.05 -4.24
N THR B 224 -10.34 -8.08 -4.25
CA THR B 224 -9.24 -8.84 -3.69
CA THR B 224 -9.23 -8.88 -3.69
C THR B 224 -9.40 -9.15 -2.18
C THR B 224 -9.37 -9.15 -2.17
N PRO B 225 -9.83 -8.15 -1.37
CA PRO B 225 -10.06 -8.55 0.06
C PRO B 225 -11.11 -9.65 0.27
N LEU B 226 -12.22 -9.64 -0.48
CA LEU B 226 -13.20 -10.72 -0.36
C LEU B 226 -12.59 -12.03 -0.82
N GLN B 227 -11.87 -12.01 -1.94
CA GLN B 227 -11.25 -13.26 -2.42
C GLN B 227 -10.21 -13.83 -1.44
N LYS B 228 -9.51 -12.93 -0.76
CA LYS B 228 -8.54 -13.35 0.26
C LYS B 228 -9.26 -13.96 1.45
N MET B 229 -10.35 -13.33 1.86
CA MET B 229 -11.17 -13.91 2.95
C MET B 229 -11.57 -15.33 2.60
N VAL B 230 -12.00 -15.53 1.37
CA VAL B 230 -12.40 -16.90 0.95
C VAL B 230 -11.26 -17.91 1.00
N GLN B 231 -10.10 -17.52 0.50
CA GLN B 231 -8.89 -18.37 0.60
C GLN B 231 -8.56 -18.70 2.04
N ASP B 232 -8.63 -17.71 2.92
CA ASP B 232 -8.28 -17.91 4.32
C ASP B 232 -9.27 -18.87 5.00
N ILE B 233 -10.57 -18.74 4.70
CA ILE B 233 -11.58 -19.69 5.19
C ILE B 233 -11.23 -21.11 4.74
N ASP B 234 -10.94 -21.27 3.45
CA ASP B 234 -10.56 -22.57 2.94
C ASP B 234 -9.31 -23.10 3.66
N GLY B 235 -8.38 -22.20 3.96
CA GLY B 235 -7.14 -22.56 4.69
C GLY B 235 -7.33 -23.12 6.08
N LEU B 236 -8.49 -22.88 6.68
CA LEU B 236 -8.86 -23.43 8.00
C LEU B 236 -8.98 -24.96 7.97
N GLY B 237 -9.23 -25.50 6.79
CA GLY B 237 -9.30 -26.94 6.66
C GLY B 237 -10.68 -27.36 6.27
N ALA B 238 -10.84 -28.63 5.95
CA ALA B 238 -12.13 -29.13 5.45
C ALA B 238 -13.19 -29.17 6.54
N PRO B 239 -14.40 -28.63 6.23
CA PRO B 239 -15.51 -28.77 7.19
C PRO B 239 -15.93 -30.21 7.42
N GLY B 240 -16.75 -30.41 8.45
CA GLY B 240 -17.22 -31.72 8.81
C GLY B 240 -18.36 -32.06 7.89
N LYS B 241 -19.06 -33.14 8.20
CA LYS B 241 -20.19 -33.57 7.39
C LYS B 241 -21.33 -32.57 7.48
N ASP B 242 -21.43 -31.86 8.61
CA ASP B 242 -22.44 -30.81 8.78
C ASP B 242 -22.06 -29.50 8.07
N SER B 243 -20.96 -29.53 7.32
CA SER B 243 -20.37 -28.42 6.55
C SER B 243 -19.91 -27.19 7.39
N LYS B 244 -19.83 -27.39 8.70
CA LYS B 244 -19.29 -26.41 9.62
C LYS B 244 -17.95 -26.92 10.16
N LEU B 245 -17.21 -26.07 10.85
CA LEU B 245 -15.84 -26.41 11.20
C LEU B 245 -15.61 -26.13 12.66
N GLU B 246 -15.28 -27.18 13.40
CA GLU B 246 -14.96 -27.03 14.80
C GLU B 246 -13.50 -26.57 14.91
N MET B 247 -13.26 -25.62 15.79
CA MET B 247 -11.87 -25.16 15.99
C MET B 247 -11.70 -24.64 17.42
N ASP B 248 -10.45 -24.60 17.88
CA ASP B 248 -10.20 -24.08 19.21
C ASP B 248 -10.14 -22.56 19.22
N ASN B 249 -10.22 -21.98 20.40
CA ASN B 249 -10.25 -20.52 20.50
C ASN B 249 -9.00 -19.85 19.88
N ALA B 250 -7.83 -20.49 20.01
CA ALA B 250 -6.60 -19.94 19.42
C ALA B 250 -6.71 -19.82 17.87
N LYS B 251 -7.18 -20.88 17.24
CA LYS B 251 -7.31 -20.91 15.78
C LYS B 251 -8.38 -19.93 15.35
N TYR B 252 -9.49 -19.92 16.10
CA TYR B 252 -10.62 -19.03 15.76
C TYR B 252 -10.18 -17.57 15.91
N GLN B 253 -9.50 -17.23 17.01
CA GLN B 253 -9.01 -15.82 17.19
C GLN B 253 -8.05 -15.37 16.09
N ALA B 254 -7.09 -16.21 15.74
CA ALA B 254 -6.18 -15.89 14.66
C ALA B 254 -6.93 -15.68 13.34
N TRP B 255 -7.84 -16.61 13.04
CA TRP B 255 -8.69 -16.49 11.83
C TRP B 255 -9.46 -15.15 11.83
N GLN B 256 -10.16 -14.85 12.91
CA GLN B 256 -10.95 -13.62 12.97
C GLN B 256 -10.10 -12.35 12.77
N SER B 257 -8.89 -12.33 13.36
CA SER B 257 -7.98 -11.20 13.15
C SER B 257 -7.63 -10.98 11.66
N GLY B 258 -7.34 -12.07 10.96
CA GLY B 258 -7.07 -12.01 9.52
C GLY B 258 -8.29 -11.52 8.75
N PHE B 259 -9.46 -11.97 9.16
CA PHE B 259 -10.71 -11.56 8.51
C PHE B 259 -10.96 -10.07 8.73
N LYS B 260 -10.82 -9.62 9.98
CA LYS B 260 -10.98 -8.20 10.26
C LYS B 260 -9.98 -7.35 9.46
N ALA B 261 -8.77 -7.85 9.23
CA ALA B 261 -7.75 -7.09 8.46
C ALA B 261 -8.29 -6.83 7.06
N GLN B 262 -8.91 -7.84 6.48
CA GLN B 262 -9.55 -7.70 5.15
C GLN B 262 -10.80 -6.79 5.13
N GLU B 263 -11.65 -6.89 6.15
CA GLU B 263 -12.72 -5.93 6.37
C GLU B 263 -12.19 -4.48 6.34
N GLU B 264 -11.15 -4.25 7.13
CA GLU B 264 -10.53 -2.93 7.23
C GLU B 264 -9.92 -2.44 5.92
N ASN B 265 -9.37 -3.34 5.12
CA ASN B 265 -8.91 -2.99 3.79
C ASN B 265 -10.04 -2.37 2.97
N MET B 266 -11.21 -3.00 2.96
CA MET B 266 -12.33 -2.50 2.18
C MET B 266 -12.84 -1.22 2.76
N LYS B 267 -12.89 -1.15 4.10
CA LYS B 267 -13.37 0.04 4.81
C LYS B 267 -12.49 1.24 4.47
N THR B 268 -11.19 0.97 4.38
CA THR B 268 -10.18 2.00 4.13
C THR B 268 -10.28 2.47 2.68
N THR B 269 -10.51 1.51 1.78
CA THR B 269 -10.71 1.86 0.36
C THR B 269 -11.92 2.80 0.20
N LEU B 270 -13.02 2.46 0.86
CA LEU B 270 -14.22 3.31 0.86
C LEU B 270 -13.95 4.70 1.44
N GLN B 271 -13.26 4.72 2.57
CA GLN B 271 -12.90 5.99 3.21
C GLN B 271 -12.07 6.88 2.26
N THR B 272 -11.04 6.27 1.68
CA THR B 272 -10.11 7.00 0.81
C THR B 272 -10.83 7.52 -0.43
N LEU B 273 -11.66 6.70 -1.04
CA LEU B 273 -12.40 7.11 -2.22
C LEU B 273 -13.37 8.21 -1.89
N THR B 274 -14.01 8.10 -0.72
CA THR B 274 -14.94 9.14 -0.30
C THR B 274 -14.17 10.44 0.00
N GLN B 275 -12.97 10.33 0.56
CA GLN B 275 -12.17 11.54 0.81
C GLN B 275 -11.80 12.24 -0.48
N LYS B 276 -11.38 11.45 -1.48
CA LYS B 276 -11.06 12.00 -2.81
C LYS B 276 -12.29 12.61 -3.49
N TYR B 277 -13.46 11.95 -3.40
CA TYR B 277 -14.71 12.61 -3.83
C TYR B 277 -14.91 14.01 -3.16
N SER B 278 -14.80 14.10 -1.82
CA SER B 278 -14.98 15.37 -1.10
C SER B 278 -14.01 16.45 -1.56
N ASN B 279 -12.77 16.07 -1.82
CA ASN B 279 -11.78 16.98 -2.44
C ASN B 279 -12.11 17.46 -3.86
N ALA B 280 -12.64 16.56 -4.69
CA ALA B 280 -13.20 16.92 -6.01
C ALA B 280 -14.40 17.88 -5.83
N ASN B 281 -15.28 17.60 -4.88
CA ASN B 281 -16.44 18.46 -4.63
C ASN B 281 -16.02 19.85 -4.15
N SER B 282 -14.97 19.87 -3.34
CA SER B 282 -14.41 21.11 -2.81
CA SER B 282 -14.42 21.12 -2.83
C SER B 282 -13.80 21.95 -3.93
N LEU B 283 -13.06 21.31 -4.83
CA LEU B 283 -12.49 22.02 -5.98
C LEU B 283 -13.59 22.70 -6.78
N TYR B 284 -14.64 21.94 -7.10
CA TYR B 284 -15.74 22.46 -7.90
C TYR B 284 -16.41 23.62 -7.17
N ASP B 285 -16.66 23.44 -5.88
CA ASP B 285 -17.27 24.50 -5.08
C ASP B 285 -16.39 25.76 -5.07
N ASN B 286 -15.08 25.58 -4.98
CA ASN B 286 -14.17 26.73 -5.01
C ASN B 286 -14.18 27.50 -6.35
N LEU B 287 -14.37 26.75 -7.44
CA LEU B 287 -14.55 27.34 -8.76
C LEU B 287 -15.92 28.07 -8.85
N VAL B 288 -16.96 27.48 -8.29
CA VAL B 288 -18.26 28.15 -8.17
C VAL B 288 -18.15 29.51 -7.47
N LYS B 289 -17.38 29.56 -6.37
CA LYS B 289 -17.18 30.80 -5.61
C LYS B 289 -16.61 31.91 -6.46
N VAL B 290 -15.67 31.57 -7.35
CA VAL B 290 -15.14 32.52 -8.36
C VAL B 290 -16.22 33.07 -9.28
N LEU B 291 -17.12 32.21 -9.73
CA LEU B 291 -18.23 32.60 -10.58
C LEU B 291 -19.12 33.56 -9.84
N SER B 292 -19.48 33.20 -8.62
CA SER B 292 -20.39 34.03 -7.84
C SER B 292 -19.80 35.45 -7.60
N SER B 293 -18.52 35.52 -7.27
CA SER B 293 -17.90 36.79 -6.91
C SER B 293 -17.70 37.67 -8.13
N THR B 294 -17.30 37.05 -9.24
CA THR B 294 -17.17 37.72 -10.53
C THR B 294 -18.51 38.36 -10.99
N ILE B 295 -19.58 37.56 -10.95
CA ILE B 295 -20.95 38.04 -11.21
C ILE B 295 -21.41 39.14 -10.23
N SER B 296 -21.12 38.97 -8.93
CA SER B 296 -21.50 39.96 -7.91
CA SER B 296 -21.47 39.95 -7.89
C SER B 296 -20.86 41.32 -8.25
N SER B 297 -19.55 41.29 -8.54
CA SER B 297 -18.80 42.47 -8.92
CA SER B 297 -18.77 42.46 -8.94
C SER B 297 -19.34 43.13 -10.19
N SER B 298 -19.65 42.33 -11.21
CA SER B 298 -20.25 42.84 -12.45
C SER B 298 -21.64 43.48 -12.20
N LEU B 299 -22.34 42.95 -11.18
CA LEU B 299 -23.65 43.45 -10.78
C LEU B 299 -23.57 44.80 -10.09
N GLU B 300 -22.65 44.93 -9.13
CA GLU B 300 -22.47 46.18 -8.40
C GLU B 300 -22.14 47.32 -9.37
N THR B 301 -21.23 47.07 -10.30
CA THR B 301 -20.83 48.12 -11.25
C THR B 301 -21.83 48.24 -12.40
#